data_6CWP
#
_entry.id   6CWP
#
_cell.length_a   53.455
_cell.length_b   53.455
_cell.length_c   220.747
_cell.angle_alpha   90.000
_cell.angle_beta   90.000
_cell.angle_gamma   120.000
#
_symmetry.space_group_name_H-M   'P 31'
#
loop_
_entity.id
_entity.type
_entity.pdbx_description
1 polymer 'Ribonucleotide reductase'
2 polymer VAL-GLU-TYR-THR-LYS-HIS
3 non-polymer 'MANGANESE (II) ION'
4 water water
#
loop_
_entity_poly.entity_id
_entity_poly.type
_entity_poly.pdbx_seq_one_letter_code
_entity_poly.pdbx_strand_id
1 'polypeptide(L)'
;LVPRGSHMSIFDKRVNYKPFEYPEVLQFTEAINKAYWVHTEVDFTADTQDFHAHLSLAEKTAVKNSLLAIAQIEVAVKSF
WGNIYEHFPKPEFNGLGSTFAECEFRHSEAYSRLLEVLGYNDEFEKLLDVPVIRRRVDYLSNVLKDTKSQDNRKYMVSLI
LFSILIENVSLFSQFAILLSFTRFKGYMKNVSNIIAWTSIDEQIHANGGIYIINKIREEFPDYFDEETLALVRETVKDSI
AVESDILDWIFEEGEIESIKKGDLVNFMKFRIDESLKQINIPVIFDVKVEDYKALAWFEEEVFANSL
;
A,B
2 'polypeptide(L)' VEYTKH F
#
loop_
_chem_comp.id
_chem_comp.type
_chem_comp.name
_chem_comp.formula
MN non-polymer 'MANGANESE (II) ION' 'Mn 2'
#
# COMPACT_ATOMS: atom_id res chain seq x y z
N MET A 8 -16.56 19.28 -11.06
CA MET A 8 -17.12 18.05 -10.41
C MET A 8 -16.92 18.11 -8.88
N SER A 9 -17.53 17.17 -8.17
CA SER A 9 -17.39 17.11 -6.70
C SER A 9 -16.43 16.01 -6.27
N ILE A 10 -16.11 15.97 -4.98
CA ILE A 10 -15.21 14.96 -4.41
C ILE A 10 -15.71 13.52 -4.67
N PHE A 11 -17.03 13.33 -4.82
CA PHE A 11 -17.62 12.00 -5.09
C PHE A 11 -17.64 11.61 -6.57
N ASP A 12 -17.25 12.53 -7.46
CA ASP A 12 -17.31 12.29 -8.90
C ASP A 12 -15.95 11.84 -9.45
N LYS A 13 -15.98 10.83 -10.34
CA LYS A 13 -14.74 10.26 -10.89
C LYS A 13 -14.02 11.24 -11.82
N ARG A 14 -12.72 11.47 -11.61
CA ARG A 14 -11.91 12.15 -12.62
C ARG A 14 -10.96 11.14 -13.25
N VAL A 15 -10.88 11.15 -14.58
CA VAL A 15 -10.06 10.22 -15.33
C VAL A 15 -8.61 10.67 -15.42
N ASN A 16 -8.40 11.93 -15.78
CA ASN A 16 -7.03 12.42 -15.97
C ASN A 16 -6.24 12.43 -14.65
N TYR A 17 -5.02 11.91 -14.70
CA TYR A 17 -4.19 11.77 -13.51
C TYR A 17 -3.93 13.12 -12.82
N LYS A 18 -3.32 14.04 -13.55
CA LYS A 18 -3.08 15.37 -13.02
C LYS A 18 -3.62 16.43 -13.97
N PRO A 19 -3.80 17.66 -13.48
CA PRO A 19 -3.55 18.10 -12.09
C PRO A 19 -4.51 17.51 -11.05
N PHE A 20 -4.03 17.36 -9.83
CA PHE A 20 -4.86 16.94 -8.74
C PHE A 20 -5.88 18.06 -8.38
N GLU A 21 -7.13 17.65 -8.16
CA GLU A 21 -8.16 18.52 -7.60
C GLU A 21 -7.92 18.72 -6.10
N TYR A 22 -7.29 17.72 -5.46
CA TYR A 22 -7.00 17.76 -4.00
C TYR A 22 -5.51 17.51 -3.76
N PRO A 23 -4.67 18.49 -4.14
CA PRO A 23 -3.22 18.37 -4.10
C PRO A 23 -2.64 18.25 -2.70
N GLU A 24 -3.41 18.61 -1.69
CA GLU A 24 -2.94 18.53 -0.31
C GLU A 24 -2.80 17.07 0.17
N VAL A 25 -3.46 16.13 -0.52
CA VAL A 25 -3.21 14.70 -0.35
C VAL A 25 -1.73 14.37 -0.24
N LEU A 26 -0.90 14.99 -1.09
CA LEU A 26 0.54 14.72 -1.10
C LEU A 26 1.27 15.09 0.20
N GLN A 27 0.76 16.06 0.95
CA GLN A 27 1.37 16.37 2.25
C GLN A 27 1.29 15.13 3.17
N PHE A 28 0.13 14.48 3.16
CA PHE A 28 -0.08 13.23 3.95
C PHE A 28 0.70 12.02 3.42
N THR A 29 0.73 11.84 2.10
CA THR A 29 1.50 10.71 1.54
C THR A 29 2.99 10.94 1.73
N GLU A 30 3.45 12.18 1.55
CA GLU A 30 4.87 12.48 1.80
C GLU A 30 5.28 12.27 3.26
N ALA A 31 4.37 12.55 4.18
CA ALA A 31 4.64 12.33 5.60
C ALA A 31 4.84 10.84 5.89
N ILE A 32 3.95 10.02 5.37
CA ILE A 32 4.13 8.57 5.48
C ILE A 32 5.46 8.15 4.87
N ASN A 33 5.75 8.62 3.66
CA ASN A 33 6.99 8.25 2.97
C ASN A 33 8.19 8.58 3.82
N LYS A 34 8.18 9.78 4.41
CA LYS A 34 9.31 10.28 5.20
C LYS A 34 9.44 9.47 6.48
N ALA A 35 8.29 9.11 7.06
CA ALA A 35 8.28 8.29 8.28
C ALA A 35 8.36 6.77 8.05
N TYR A 36 8.62 6.32 6.81
CA TYR A 36 8.50 4.88 6.48
C TYR A 36 9.38 4.01 7.37
N TRP A 37 8.82 2.91 7.86
CA TRP A 37 9.54 1.98 8.73
C TRP A 37 8.95 0.60 8.58
N VAL A 38 9.72 -0.42 8.92
CA VAL A 38 9.20 -1.78 9.05
C VAL A 38 9.69 -2.37 10.36
N HIS A 39 8.89 -3.26 10.93
CA HIS A 39 9.23 -3.86 12.25
C HIS A 39 10.59 -4.62 12.29
N THR A 40 11.02 -5.17 11.15
CA THR A 40 12.29 -5.92 11.11
C THR A 40 13.50 -5.02 11.35
N GLU A 41 13.31 -3.70 11.38
CA GLU A 41 14.37 -2.78 11.80
C GLU A 41 14.67 -2.82 13.30
N VAL A 42 13.79 -3.44 14.09
CA VAL A 42 13.93 -3.47 15.52
C VAL A 42 14.10 -4.91 16.02
N ASP A 43 14.91 -5.10 17.06
CA ASP A 43 15.00 -6.38 17.76
C ASP A 43 14.60 -6.17 19.22
N PHE A 44 13.84 -7.10 19.79
CA PHE A 44 13.28 -6.87 21.12
C PHE A 44 13.93 -7.70 22.23
N THR A 45 15.05 -8.36 21.95
CA THR A 45 15.70 -9.24 22.96
C THR A 45 15.94 -8.51 24.26
N ALA A 46 16.48 -7.30 24.19
CA ALA A 46 16.69 -6.49 25.37
C ALA A 46 15.39 -6.16 26.14
N ASP A 47 14.33 -5.86 25.39
CA ASP A 47 13.01 -5.64 25.99
C ASP A 47 12.45 -6.87 26.71
N THR A 48 12.63 -8.05 26.10
CA THR A 48 12.19 -9.28 26.75
C THR A 48 12.93 -9.49 28.08
N GLN A 49 14.22 -9.18 28.11
CA GLN A 49 15.06 -9.36 29.33
C GLN A 49 14.55 -8.48 30.48
N ASP A 50 14.21 -7.23 30.16
CA ASP A 50 13.64 -6.28 31.12
C ASP A 50 12.26 -6.68 31.59
N PHE A 51 11.46 -7.17 30.66
CA PHE A 51 10.14 -7.66 30.99
C PHE A 51 10.27 -8.80 32.02
N HIS A 52 11.20 -9.72 31.74
CA HIS A 52 11.43 -10.89 32.57
C HIS A 52 11.98 -10.49 33.94
N ALA A 53 13.03 -9.68 33.95
CA ALA A 53 13.76 -9.40 35.17
C ALA A 53 13.25 -8.21 36.00
N HIS A 54 12.79 -7.15 35.34
CA HIS A 54 12.64 -5.83 35.99
C HIS A 54 11.24 -5.23 36.07
N LEU A 55 10.23 -5.96 35.61
CA LEU A 55 8.87 -5.49 35.71
C LEU A 55 8.08 -6.35 36.69
N SER A 56 7.30 -5.70 37.54
CA SER A 56 6.37 -6.38 38.43
C SER A 56 5.25 -7.02 37.65
N LEU A 57 4.50 -7.91 38.32
CA LEU A 57 3.31 -8.51 37.75
C LEU A 57 2.34 -7.44 37.25
N ALA A 58 2.16 -6.38 38.04
CA ALA A 58 1.23 -5.31 37.68
C ALA A 58 1.66 -4.73 36.33
N GLU A 59 2.96 -4.45 36.23
CA GLU A 59 3.58 -3.83 35.06
C GLU A 59 3.57 -4.74 33.85
N LYS A 60 3.92 -6.00 34.05
CA LYS A 60 3.83 -7.01 32.99
C LYS A 60 2.43 -7.09 32.42
N THR A 61 1.43 -7.06 33.29
CA THR A 61 0.04 -7.20 32.85
C THR A 61 -0.41 -5.97 32.04
N ALA A 62 -0.02 -4.77 32.50
CA ALA A 62 -0.28 -3.52 31.76
C ALA A 62 0.36 -3.54 30.37
N VAL A 63 1.60 -4.02 30.30
CA VAL A 63 2.29 -4.13 28.99
C VAL A 63 1.57 -5.12 28.09
N LYS A 64 1.30 -6.30 28.65
CA LYS A 64 0.62 -7.34 27.93
C LYS A 64 -0.77 -6.94 27.44
N ASN A 65 -1.59 -6.39 28.33
CA ASN A 65 -2.96 -6.10 27.97
C ASN A 65 -3.01 -4.89 27.02
N SER A 66 -2.08 -3.96 27.16
CA SER A 66 -1.98 -2.82 26.26
C SER A 66 -1.67 -3.30 24.87
N LEU A 67 -0.75 -4.26 24.74
CA LEU A 67 -0.42 -4.82 23.44
C LEU A 67 -1.56 -5.66 22.85
N LEU A 68 -2.26 -6.39 23.69
CA LEU A 68 -3.46 -7.14 23.26
C LEU A 68 -4.52 -6.19 22.72
N ALA A 69 -4.72 -5.08 23.41
CA ALA A 69 -5.70 -4.08 23.01
C ALA A 69 -5.28 -3.44 21.69
N ILE A 70 -3.98 -3.13 21.53
CA ILE A 70 -3.51 -2.62 20.26
C ILE A 70 -3.72 -3.63 19.14
N ALA A 71 -3.35 -4.89 19.38
CA ALA A 71 -3.50 -5.95 18.39
C ALA A 71 -4.95 -6.15 18.00
N GLN A 72 -5.84 -6.00 18.96
CA GLN A 72 -7.23 -6.13 18.65
C GLN A 72 -7.61 -5.22 17.46
N ILE A 73 -7.08 -4.01 17.42
CA ILE A 73 -7.32 -3.16 16.24
C ILE A 73 -6.29 -3.38 15.12
N GLU A 74 -5.03 -3.53 15.45
CA GLU A 74 -4.00 -3.56 14.44
C GLU A 74 -3.78 -4.91 13.72
N VAL A 75 -4.02 -6.03 14.40
CA VAL A 75 -3.80 -7.37 13.81
C VAL A 75 -5.13 -7.86 13.26
N ALA A 76 -5.38 -7.50 11.99
CA ALA A 76 -6.66 -7.66 11.32
C ALA A 76 -6.46 -7.16 9.90
N VAL A 77 -7.39 -7.47 9.02
CA VAL A 77 -7.49 -6.81 7.73
C VAL A 77 -8.31 -5.55 7.98
N LYS A 78 -7.72 -4.39 7.71
CA LYS A 78 -8.35 -3.07 7.96
C LYS A 78 -8.62 -2.50 6.59
N SER A 79 -9.84 -2.64 6.12
CA SER A 79 -10.12 -2.39 4.72
C SER A 79 -10.55 -0.95 4.38
N PHE A 80 -10.69 -0.09 5.38
CA PHE A 80 -11.21 1.27 5.19
C PHE A 80 -10.39 2.06 4.17
N TRP A 81 -9.10 2.23 4.45
CA TRP A 81 -8.28 3.13 3.63
C TRP A 81 -8.12 2.62 2.21
N GLY A 82 -7.88 1.32 2.04
CA GLY A 82 -7.84 0.72 0.69
C GLY A 82 -9.11 0.87 -0.14
N ASN A 83 -10.23 1.15 0.51
CA ASN A 83 -11.50 1.32 -0.19
C ASN A 83 -11.99 2.77 -0.39
N ILE A 84 -11.24 3.79 0.09
CA ILE A 84 -11.75 5.18 -0.04
C ILE A 84 -11.92 5.64 -1.51
N TYR A 85 -11.11 5.11 -2.41
CA TYR A 85 -11.21 5.40 -3.83
C TYR A 85 -12.58 5.01 -4.44
N GLU A 86 -13.28 4.06 -3.82
CA GLU A 86 -14.63 3.66 -4.27
C GLU A 86 -15.67 4.71 -3.96
N HIS A 87 -15.40 5.55 -2.96
CA HIS A 87 -16.25 6.65 -2.58
C HIS A 87 -15.77 8.01 -3.16
N PHE A 88 -14.46 8.21 -3.27
CA PHE A 88 -13.89 9.43 -3.83
C PHE A 88 -12.97 8.99 -4.98
N PRO A 89 -13.54 8.87 -6.20
CA PRO A 89 -12.82 8.21 -7.29
C PRO A 89 -11.87 9.16 -8.05
N LYS A 90 -10.89 9.65 -7.31
CA LYS A 90 -9.87 10.54 -7.80
C LYS A 90 -8.55 9.80 -7.71
N PRO A 91 -7.70 9.93 -8.74
CA PRO A 91 -6.36 9.39 -8.69
C PRO A 91 -5.59 9.68 -7.38
N GLU A 92 -5.69 10.91 -6.86
CA GLU A 92 -4.99 11.28 -5.61
C GLU A 92 -5.53 10.55 -4.36
N PHE A 93 -6.79 10.14 -4.38
CA PHE A 93 -7.36 9.44 -3.24
C PHE A 93 -7.12 7.94 -3.37
N ASN A 94 -6.96 7.45 -4.59
CA ASN A 94 -6.40 6.11 -4.72
C ASN A 94 -4.97 6.09 -4.13
N GLY A 95 -4.24 7.17 -4.37
CA GLY A 95 -2.89 7.32 -3.81
C GLY A 95 -2.88 7.38 -2.30
N LEU A 96 -3.74 8.24 -1.75
CA LEU A 96 -3.87 8.38 -0.29
C LEU A 96 -4.31 7.04 0.29
N GLY A 97 -5.33 6.44 -0.29
CA GLY A 97 -5.86 5.16 0.19
C GLY A 97 -4.84 4.05 0.18
N SER A 98 -4.11 3.93 -0.93
CA SER A 98 -3.12 2.84 -1.07
C SER A 98 -1.94 3.02 -0.13
N THR A 99 -1.54 4.27 0.08
CA THR A 99 -0.43 4.57 1.00
C THR A 99 -0.75 4.24 2.45
N PHE A 100 -1.98 4.56 2.87
CA PHE A 100 -2.45 4.30 4.22
C PHE A 100 -2.74 2.80 4.42
N ALA A 101 -3.29 2.15 3.39
CA ALA A 101 -3.57 0.70 3.42
C ALA A 101 -2.28 -0.10 3.59
N GLU A 102 -1.23 0.27 2.86
CA GLU A 102 0.05 -0.41 2.97
C GLU A 102 0.60 -0.21 4.36
N CYS A 103 0.43 1.00 4.84
CA CYS A 103 0.86 1.37 6.16
C CYS A 103 0.19 0.47 7.21
N GLU A 104 -1.10 0.21 7.05
CA GLU A 104 -1.80 -0.63 8.00
C GLU A 104 -1.31 -2.09 7.96
N PHE A 105 -0.79 -2.55 6.82
CA PHE A 105 -0.17 -3.88 6.74
C PHE A 105 1.17 -3.91 7.47
N ARG A 106 1.95 -2.84 7.41
CA ARG A 106 3.16 -2.78 8.21
C ARG A 106 2.84 -2.80 9.70
N HIS A 107 1.71 -2.20 10.06
CA HIS A 107 1.24 -2.28 11.45
C HIS A 107 0.84 -3.70 11.88
N SER A 108 0.03 -4.39 11.08
CA SER A 108 -0.42 -5.72 11.44
C SER A 108 0.75 -6.70 11.59
N GLU A 109 1.77 -6.55 10.75
CA GLU A 109 2.96 -7.38 10.83
C GLU A 109 3.77 -7.07 12.08
N ALA A 110 3.87 -5.78 12.42
CA ALA A 110 4.57 -5.35 13.64
C ALA A 110 3.91 -5.89 14.92
N TYR A 111 2.60 -5.73 15.05
CA TYR A 111 1.94 -6.19 16.28
C TYR A 111 1.80 -7.73 16.34
N SER A 112 1.66 -8.38 15.19
CA SER A 112 1.69 -9.83 15.14
C SER A 112 3.04 -10.36 15.64
N ARG A 113 4.12 -9.70 15.22
CA ARG A 113 5.45 -10.08 15.71
C ARG A 113 5.60 -9.87 17.22
N LEU A 114 5.11 -8.74 17.73
CA LEU A 114 5.19 -8.49 19.17
C LEU A 114 4.43 -9.54 19.98
N LEU A 115 3.28 -9.96 19.48
CA LEU A 115 2.53 -11.05 20.11
C LEU A 115 3.43 -12.33 20.18
N GLU A 116 3.93 -12.76 19.02
CA GLU A 116 4.81 -13.93 18.89
C GLU A 116 5.99 -13.88 19.86
N VAL A 117 6.74 -12.79 19.79
CA VAL A 117 7.93 -12.60 20.59
C VAL A 117 7.68 -12.61 22.09
N LEU A 118 6.54 -12.07 22.53
CA LEU A 118 6.23 -12.03 23.95
C LEU A 118 5.42 -13.22 24.46
N GLY A 119 4.94 -14.06 23.55
CA GLY A 119 4.21 -15.26 23.89
C GLY A 119 2.74 -15.04 24.21
N TYR A 120 2.07 -14.15 23.49
CA TYR A 120 0.66 -13.86 23.77
C TYR A 120 -0.30 -14.32 22.69
N ASN A 121 0.15 -15.16 21.79
CA ASN A 121 -0.74 -15.62 20.74
C ASN A 121 -1.99 -16.40 21.24
N ASP A 122 -1.85 -17.20 22.30
CA ASP A 122 -3.02 -17.91 22.85
C ASP A 122 -4.03 -16.93 23.44
N GLU A 123 -3.55 -16.01 24.27
CA GLU A 123 -4.41 -14.98 24.86
C GLU A 123 -5.12 -14.11 23.82
N PHE A 124 -4.43 -13.78 22.73
CA PHE A 124 -5.04 -13.01 21.64
C PHE A 124 -6.20 -13.77 20.97
N GLU A 125 -5.99 -15.06 20.71
CA GLU A 125 -7.06 -15.90 20.18
C GLU A 125 -8.29 -15.96 21.09
N LYS A 126 -8.07 -15.87 22.41
CA LYS A 126 -9.17 -15.97 23.38
C LYS A 126 -9.62 -14.60 23.91
N LEU A 127 -9.31 -13.53 23.18
CA LEU A 127 -9.49 -12.18 23.68
C LEU A 127 -10.96 -11.81 23.82
N LEU A 128 -11.82 -12.45 23.01
CA LEU A 128 -13.27 -12.25 23.12
C LEU A 128 -13.88 -12.78 24.44
N ASP A 129 -13.11 -13.55 25.21
CA ASP A 129 -13.50 -13.92 26.58
C ASP A 129 -13.51 -12.74 27.55
N VAL A 130 -12.88 -11.62 27.17
CA VAL A 130 -12.87 -10.47 28.06
C VAL A 130 -14.11 -9.63 27.77
N PRO A 131 -14.98 -9.43 28.79
CA PRO A 131 -16.19 -8.66 28.57
C PRO A 131 -15.96 -7.28 27.97
N VAL A 132 -15.04 -6.49 28.56
CA VAL A 132 -14.82 -5.15 28.06
C VAL A 132 -14.34 -5.15 26.60
N ILE A 133 -13.62 -6.18 26.19
CA ILE A 133 -13.22 -6.28 24.79
C ILE A 133 -14.43 -6.47 23.89
N ARG A 134 -15.39 -7.30 24.32
CA ARG A 134 -16.61 -7.52 23.54
C ARG A 134 -17.38 -6.22 23.35
N ARG A 135 -17.41 -5.37 24.38
CA ARG A 135 -18.02 -4.05 24.24
C ARG A 135 -17.22 -3.17 23.24
N ARG A 136 -15.90 -3.35 23.21
CA ARG A 136 -15.10 -2.66 22.23
C ARG A 136 -15.36 -3.17 20.82
N VAL A 137 -15.52 -4.47 20.62
CA VAL A 137 -15.90 -4.99 19.31
C VAL A 137 -17.20 -4.37 18.84
N ASP A 138 -18.19 -4.21 19.73
CA ASP A 138 -19.51 -3.67 19.34
C ASP A 138 -19.40 -2.24 18.85
N TYR A 139 -18.71 -1.37 19.60
CA TYR A 139 -18.61 0.02 19.21
C TYR A 139 -17.76 0.15 17.92
N LEU A 140 -16.69 -0.63 17.79
CA LEU A 140 -15.88 -0.58 16.56
C LEU A 140 -16.70 -1.04 15.37
N SER A 141 -17.57 -2.03 15.58
CA SER A 141 -18.47 -2.52 14.55
C SER A 141 -19.48 -1.45 14.17
N ASN A 142 -20.08 -0.82 15.18
CA ASN A 142 -21.01 0.30 14.95
C ASN A 142 -20.37 1.36 14.06
N VAL A 143 -19.13 1.72 14.39
CA VAL A 143 -18.42 2.73 13.62
C VAL A 143 -18.23 2.27 12.19
N LEU A 144 -17.77 1.04 11.99
CA LEU A 144 -17.41 0.57 10.66
C LEU A 144 -18.56 0.04 9.81
N LYS A 145 -19.77 -0.04 10.35
CA LYS A 145 -20.84 -0.79 9.68
C LYS A 145 -21.19 -0.23 8.29
N ASP A 146 -21.20 1.10 8.13
CA ASP A 146 -21.50 1.73 6.84
C ASP A 146 -20.26 2.12 6.00
N THR A 147 -19.13 1.49 6.29
CA THR A 147 -17.89 1.67 5.52
C THR A 147 -18.08 1.42 4.03
N LYS A 148 -18.95 0.48 3.64
CA LYS A 148 -19.13 0.18 2.22
C LYS A 148 -20.47 0.66 1.65
N SER A 149 -21.12 1.61 2.32
CA SER A 149 -22.42 2.10 1.89
C SER A 149 -22.30 3.07 0.72
N GLN A 150 -23.15 2.84 -0.26
CA GLN A 150 -23.32 3.74 -1.41
C GLN A 150 -24.03 5.02 -1.02
N ASP A 151 -24.61 5.06 0.17
CA ASP A 151 -25.25 6.24 0.68
C ASP A 151 -24.15 7.15 1.24
N ASN A 152 -23.85 8.23 0.51
CA ASN A 152 -22.73 9.10 0.82
C ASN A 152 -22.81 9.74 2.19
N ARG A 153 -24.03 9.95 2.67
CA ARG A 153 -24.28 10.50 4.00
C ARG A 153 -23.94 9.49 5.09
N LYS A 154 -24.39 8.25 4.89
CA LYS A 154 -24.11 7.16 5.80
C LYS A 154 -22.62 6.95 5.94
N TYR A 155 -21.96 6.83 4.80
CA TYR A 155 -20.51 6.67 4.74
C TYR A 155 -19.74 7.79 5.45
N MET A 156 -20.22 9.03 5.28
CA MET A 156 -19.55 10.19 5.86
C MET A 156 -19.53 10.12 7.40
N VAL A 157 -20.61 9.63 8.00
CA VAL A 157 -20.62 9.33 9.44
C VAL A 157 -19.56 8.26 9.80
N SER A 158 -19.48 7.19 9.01
CA SER A 158 -18.44 6.18 9.19
C SER A 158 -17.06 6.82 9.15
N LEU A 159 -16.87 7.68 8.15
CA LEU A 159 -15.61 8.38 7.96
C LEU A 159 -15.26 9.28 9.13
N ILE A 160 -16.22 10.06 9.59
CA ILE A 160 -16.01 10.92 10.78
C ILE A 160 -15.60 10.10 12.00
N LEU A 161 -16.36 9.04 12.29
CA LEU A 161 -16.12 8.24 13.51
C LEU A 161 -14.83 7.39 13.41
N PHE A 162 -14.57 6.82 12.24
CA PHE A 162 -13.27 6.19 11.94
C PHE A 162 -12.08 7.11 12.21
N SER A 163 -12.13 8.32 11.68
CA SER A 163 -11.04 9.28 11.79
C SER A 163 -10.83 9.79 13.21
N ILE A 164 -11.89 10.31 13.82
CA ILE A 164 -11.78 10.92 15.15
C ILE A 164 -11.69 9.91 16.32
N LEU A 165 -12.31 8.74 16.19
CA LEU A 165 -12.22 7.70 17.24
C LEU A 165 -11.14 6.66 16.99
N ILE A 166 -11.34 5.87 15.94
CA ILE A 166 -10.49 4.70 15.69
C ILE A 166 -9.02 5.04 15.34
N GLU A 167 -8.81 6.04 14.49
CA GLU A 167 -7.47 6.46 14.13
C GLU A 167 -6.89 7.41 15.14
N ASN A 168 -7.71 8.31 15.69
CA ASN A 168 -7.18 9.39 16.50
C ASN A 168 -7.15 9.12 17.99
N VAL A 169 -7.88 8.10 18.45
CA VAL A 169 -8.07 7.93 19.89
C VAL A 169 -8.05 6.50 20.43
N SER A 170 -8.73 5.56 19.79
CA SER A 170 -8.93 4.23 20.36
C SER A 170 -7.66 3.56 20.89
N LEU A 171 -6.55 3.73 20.19
CA LEU A 171 -5.26 3.10 20.54
C LEU A 171 -4.35 3.95 21.42
N PHE A 172 -4.65 5.23 21.56
CA PHE A 172 -3.65 6.17 22.08
C PHE A 172 -3.36 6.02 23.55
N SER A 173 -4.34 5.53 24.32
CA SER A 173 -4.09 5.23 25.73
C SER A 173 -3.08 4.07 25.91
N GLN A 174 -3.19 3.06 25.05
CA GLN A 174 -2.22 1.95 25.01
C GLN A 174 -0.81 2.40 24.60
N PHE A 175 -0.74 3.29 23.62
CA PHE A 175 0.52 3.89 23.19
C PHE A 175 1.21 4.61 24.33
N ALA A 176 0.40 5.40 25.03
CA ALA A 176 0.85 6.18 26.14
C ALA A 176 1.36 5.30 27.30
N ILE A 177 0.64 4.24 27.60
CA ILE A 177 1.03 3.31 28.65
C ILE A 177 2.39 2.70 28.34
N LEU A 178 2.57 2.20 27.11
CA LEU A 178 3.83 1.60 26.72
C LEU A 178 4.98 2.64 26.70
N LEU A 179 4.75 3.86 26.21
CA LEU A 179 5.79 4.89 26.23
C LEU A 179 6.19 5.35 27.63
N SER A 180 5.26 5.36 28.59
CA SER A 180 5.61 5.69 29.99
C SER A 180 6.73 4.81 30.56
N PHE A 181 6.78 3.54 30.18
CA PHE A 181 7.85 2.64 30.65
C PHE A 181 9.22 3.11 30.22
N THR A 182 9.34 3.49 28.94
CA THR A 182 10.58 4.02 28.42
C THR A 182 10.91 5.38 29.05
N ARG A 183 9.94 6.30 29.05
CA ARG A 183 10.18 7.67 29.54
C ARG A 183 10.63 7.75 31.01
N PHE A 184 9.98 6.98 31.87
CA PHE A 184 10.17 7.10 33.32
C PHE A 184 11.04 6.02 33.96
N LYS A 185 11.19 4.87 33.31
CA LYS A 185 12.01 3.81 33.88
C LYS A 185 13.12 3.34 32.94
N GLY A 186 13.09 3.76 31.67
CA GLY A 186 14.11 3.37 30.72
C GLY A 186 14.03 1.93 30.25
N TYR A 187 12.86 1.33 30.31
CA TYR A 187 12.64 -0.04 29.83
C TYR A 187 11.78 -0.05 28.57
N MET A 188 11.84 -1.17 27.85
CA MET A 188 11.01 -1.42 26.66
C MET A 188 11.30 -0.42 25.54
N LYS A 189 12.57 -0.01 25.40
CA LYS A 189 13.00 0.98 24.40
C LYS A 189 12.58 0.62 22.95
N ASN A 190 12.70 -0.65 22.60
CA ASN A 190 12.41 -1.08 21.23
C ASN A 190 10.91 -1.21 20.98
N VAL A 191 10.18 -1.75 21.94
CA VAL A 191 8.72 -1.73 21.87
C VAL A 191 8.29 -0.28 21.64
N SER A 192 8.86 0.65 22.43
CA SER A 192 8.54 2.06 22.35
C SER A 192 8.89 2.69 20.99
N ASN A 193 9.94 2.19 20.32
CA ASN A 193 10.21 2.54 18.89
C ASN A 193 9.00 2.19 18.01
N ILE A 194 8.54 0.94 18.08
CA ILE A 194 7.38 0.54 17.28
C ILE A 194 6.15 1.41 17.58
N ILE A 195 5.91 1.65 18.87
CA ILE A 195 4.75 2.41 19.34
C ILE A 195 4.79 3.84 18.83
N ALA A 196 5.92 4.49 19.01
CA ALA A 196 6.11 5.85 18.54
C ALA A 196 5.89 5.96 17.03
N TRP A 197 6.41 5.01 16.26
CA TRP A 197 6.25 5.05 14.80
C TRP A 197 4.80 4.81 14.40
N THR A 198 4.15 3.88 15.08
CA THR A 198 2.74 3.67 14.87
C THR A 198 1.88 4.91 15.21
N SER A 199 2.21 5.61 16.31
CA SER A 199 1.50 6.78 16.77
C SER A 199 1.58 7.93 15.75
N ILE A 200 2.78 8.16 15.20
CA ILE A 200 2.98 9.09 14.08
C ILE A 200 2.11 8.69 12.88
N ASP A 201 2.19 7.42 12.45
CA ASP A 201 1.40 6.99 11.30
C ASP A 201 -0.09 7.22 11.56
N GLU A 202 -0.56 6.85 12.74
CA GLU A 202 -1.99 6.95 13.02
C GLU A 202 -2.44 8.41 13.12
N GLN A 203 -1.56 9.29 13.60
CA GLN A 203 -1.89 10.74 13.64
C GLN A 203 -2.02 11.30 12.22
N ILE A 204 -1.11 10.87 11.35
CA ILE A 204 -1.20 11.20 9.92
C ILE A 204 -2.51 10.68 9.30
N HIS A 205 -2.92 9.45 9.63
CA HIS A 205 -4.18 8.87 9.16
C HIS A 205 -5.40 9.68 9.62
N ALA A 206 -5.46 9.96 10.92
CA ALA A 206 -6.54 10.79 11.49
C ALA A 206 -6.59 12.17 10.84
N ASN A 207 -5.45 12.81 10.66
CA ASN A 207 -5.39 14.13 10.03
C ASN A 207 -5.82 14.07 8.55
N GLY A 208 -5.46 13.00 7.87
CA GLY A 208 -5.91 12.77 6.51
C GLY A 208 -7.42 12.63 6.43
N GLY A 209 -8.01 11.92 7.37
CA GLY A 209 -9.46 11.83 7.49
C GLY A 209 -10.14 13.17 7.79
N ILE A 210 -9.58 13.95 8.71
CA ILE A 210 -10.05 15.30 9.00
C ILE A 210 -10.00 16.19 7.72
N TYR A 211 -8.88 16.12 7.01
CA TYR A 211 -8.76 16.83 5.75
C TYR A 211 -9.89 16.47 4.76
N ILE A 212 -10.18 15.18 4.62
CA ILE A 212 -11.25 14.76 3.73
C ILE A 212 -12.62 15.24 4.23
N ILE A 213 -12.84 15.11 5.53
CA ILE A 213 -14.11 15.44 6.11
C ILE A 213 -14.42 16.93 5.83
N ASN A 214 -13.44 17.78 6.04
CA ASN A 214 -13.60 19.20 5.80
C ASN A 214 -13.77 19.57 4.33
N LYS A 215 -13.16 18.80 3.42
CA LYS A 215 -13.49 18.97 2.00
C LYS A 215 -14.94 18.65 1.70
N ILE A 216 -15.46 17.60 2.32
CA ILE A 216 -16.87 17.22 2.14
C ILE A 216 -17.77 18.32 2.71
N ARG A 217 -17.37 18.88 3.85
CA ARG A 217 -18.11 19.98 4.48
C ARG A 217 -18.16 21.22 3.59
N GLU A 218 -17.06 21.52 2.90
CA GLU A 218 -17.01 22.65 1.94
C GLU A 218 -17.96 22.46 0.76
N GLU A 219 -18.09 21.21 0.30
CA GLU A 219 -18.83 20.87 -0.93
C GLU A 219 -20.28 20.40 -0.69
N PHE A 220 -20.56 19.93 0.53
CA PHE A 220 -21.87 19.41 0.87
C PHE A 220 -22.19 19.75 2.33
N PRO A 221 -22.16 21.05 2.68
CA PRO A 221 -22.49 21.47 4.05
C PRO A 221 -23.78 20.86 4.60
N ASP A 222 -24.76 20.62 3.74
CA ASP A 222 -26.04 19.98 4.11
C ASP A 222 -25.92 18.57 4.71
N TYR A 223 -24.83 17.85 4.42
CA TYR A 223 -24.60 16.52 4.99
C TYR A 223 -24.33 16.58 6.49
N PHE A 224 -23.80 17.71 6.95
CA PHE A 224 -23.44 17.89 8.36
C PHE A 224 -24.61 18.45 9.16
N ASP A 225 -25.69 17.69 9.21
CA ASP A 225 -26.94 18.19 9.76
C ASP A 225 -27.01 17.86 11.24
N GLU A 226 -28.11 18.27 11.87
CA GLU A 226 -28.29 18.08 13.30
C GLU A 226 -28.31 16.60 13.71
N GLU A 227 -28.89 15.75 12.88
CA GLU A 227 -28.96 14.30 13.16
C GLU A 227 -27.57 13.65 13.12
N THR A 228 -26.77 14.05 12.15
CA THR A 228 -25.41 13.54 11.99
C THR A 228 -24.56 13.97 13.17
N LEU A 229 -24.58 15.26 13.51
CA LEU A 229 -23.78 15.73 14.63
C LEU A 229 -24.19 15.11 15.96
N ALA A 230 -25.48 14.88 16.16
CA ALA A 230 -25.95 14.24 17.39
C ALA A 230 -25.52 12.76 17.45
N LEU A 231 -25.63 12.04 16.35
CA LEU A 231 -25.16 10.66 16.28
C LEU A 231 -23.65 10.54 16.61
N VAL A 232 -22.83 11.39 15.98
CA VAL A 232 -21.40 11.41 16.26
C VAL A 232 -21.13 11.62 17.75
N ARG A 233 -21.78 12.62 18.36
CA ARG A 233 -21.47 12.95 19.75
C ARG A 233 -21.85 11.85 20.72
N GLU A 234 -23.01 11.25 20.52
CA GLU A 234 -23.42 10.12 21.33
C GLU A 234 -22.47 8.90 21.16
N THR A 235 -22.13 8.56 19.94
CA THR A 235 -21.25 7.40 19.68
C THR A 235 -19.90 7.62 20.36
N VAL A 236 -19.37 8.83 20.22
CA VAL A 236 -18.13 9.20 20.92
C VAL A 236 -18.25 9.03 22.46
N LYS A 237 -19.38 9.47 23.03
CA LYS A 237 -19.56 9.37 24.48
C LYS A 237 -19.55 7.91 24.93
N ASP A 238 -20.28 7.07 24.20
CA ASP A 238 -20.32 5.65 24.50
C ASP A 238 -18.95 5.01 24.31
N SER A 239 -18.22 5.41 23.29
CA SER A 239 -16.93 4.82 23.01
C SER A 239 -15.88 5.20 24.05
N ILE A 240 -15.89 6.47 24.48
CA ILE A 240 -14.99 6.91 25.56
C ILE A 240 -15.27 6.19 26.88
N ALA A 241 -16.54 5.92 27.18
CA ALA A 241 -16.88 5.09 28.37
C ALA A 241 -16.30 3.68 28.25
N VAL A 242 -16.39 3.09 27.06
CA VAL A 242 -15.80 1.78 26.82
C VAL A 242 -14.26 1.81 26.97
N GLU A 243 -13.59 2.80 26.41
CA GLU A 243 -12.12 2.87 26.51
C GLU A 243 -11.65 3.14 27.93
N SER A 244 -12.50 3.78 28.73
CA SER A 244 -12.20 3.97 30.14
C SER A 244 -12.18 2.65 30.86
N ASP A 245 -13.18 1.82 30.60
CA ASP A 245 -13.24 0.49 31.20
C ASP A 245 -12.12 -0.43 30.71
N ILE A 246 -11.67 -0.24 29.47
CA ILE A 246 -10.49 -0.94 28.98
C ILE A 246 -9.30 -0.71 29.93
N LEU A 247 -9.15 0.52 30.39
CA LEU A 247 -8.07 0.87 31.28
C LEU A 247 -8.10 0.04 32.57
N ASP A 248 -9.30 -0.27 33.06
CA ASP A 248 -9.43 -1.09 34.28
C ASP A 248 -8.88 -2.48 34.06
N TRP A 249 -9.14 -3.03 32.87
CA TRP A 249 -8.67 -4.34 32.51
C TRP A 249 -7.15 -4.35 32.25
N ILE A 250 -6.64 -3.31 31.57
CA ILE A 250 -5.21 -3.19 31.39
C ILE A 250 -4.49 -3.20 32.73
N PHE A 251 -5.04 -2.51 33.71
CA PHE A 251 -4.43 -2.47 35.03
C PHE A 251 -5.08 -3.48 36.01
N GLU A 252 -5.63 -4.57 35.49
CA GLU A 252 -6.34 -5.54 36.33
C GLU A 252 -5.52 -6.11 37.50
N GLU A 253 -4.19 -6.09 37.40
CA GLU A 253 -3.34 -6.58 38.48
C GLU A 253 -2.80 -5.50 39.40
N GLY A 254 -3.23 -4.25 39.20
CA GLY A 254 -2.85 -3.16 40.09
C GLY A 254 -2.37 -1.92 39.38
N GLU A 255 -2.51 -0.78 40.04
CA GLU A 255 -2.05 0.49 39.48
C GLU A 255 -0.53 0.46 39.38
N ILE A 256 0.01 1.15 38.37
CA ILE A 256 1.46 1.25 38.21
C ILE A 256 1.94 2.68 38.37
N GLU A 257 3.23 2.79 38.63
CA GLU A 257 3.88 4.03 38.95
C GLU A 257 4.05 4.98 37.75
N SER A 258 4.31 4.43 36.57
CA SER A 258 4.74 5.26 35.44
C SER A 258 3.60 6.04 34.79
N ILE A 259 2.35 5.61 35.01
CA ILE A 259 1.18 6.27 34.41
C ILE A 259 -0.13 5.97 35.16
N LYS A 260 -1.03 6.96 35.19
CA LYS A 260 -2.29 6.85 35.97
C LYS A 260 -3.51 6.86 35.05
N LYS A 261 -4.50 6.07 35.43
CA LYS A 261 -5.74 5.94 34.65
C LYS A 261 -6.43 7.30 34.47
N GLY A 262 -6.64 8.05 35.55
CA GLY A 262 -7.32 9.36 35.46
C GLY A 262 -6.76 10.27 34.38
N ASP A 263 -5.43 10.35 34.35
CA ASP A 263 -4.68 11.13 33.39
C ASP A 263 -4.93 10.58 31.98
N LEU A 264 -5.03 9.26 31.85
CA LEU A 264 -5.26 8.65 30.55
C LEU A 264 -6.63 9.02 29.98
N VAL A 265 -7.67 8.92 30.81
CA VAL A 265 -9.05 9.34 30.46
C VAL A 265 -9.10 10.81 30.02
N ASN A 266 -8.50 11.74 30.77
CA ASN A 266 -8.45 13.14 30.34
C ASN A 266 -7.71 13.35 28.99
N PHE A 267 -6.60 12.64 28.83
CA PHE A 267 -5.85 12.56 27.57
C PHE A 267 -6.78 12.21 26.40
N MET A 268 -7.54 11.13 26.54
CA MET A 268 -8.43 10.70 25.48
C MET A 268 -9.54 11.73 25.24
N LYS A 269 -10.10 12.25 26.32
CA LYS A 269 -11.19 13.22 26.19
C LYS A 269 -10.73 14.48 25.49
N PHE A 270 -9.53 14.93 25.83
CA PHE A 270 -8.91 16.07 25.23
C PHE A 270 -8.62 15.87 23.75
N ARG A 271 -8.13 14.68 23.40
CA ARG A 271 -7.81 14.35 22.00
C ARG A 271 -9.08 14.38 21.14
N ILE A 272 -10.15 13.79 21.66
CA ILE A 272 -11.45 13.86 20.98
C ILE A 272 -11.92 15.30 20.71
N ASP A 273 -11.97 16.12 21.75
CA ASP A 273 -12.42 17.51 21.60
C ASP A 273 -11.64 18.28 20.54
N GLU A 274 -10.31 18.11 20.52
CA GLU A 274 -9.48 18.79 19.55
C GLU A 274 -9.82 18.37 18.14
N SER A 275 -10.08 17.08 17.94
CA SER A 275 -10.49 16.58 16.64
C SER A 275 -11.85 17.16 16.24
N LEU A 276 -12.79 17.16 17.18
CA LEU A 276 -14.14 17.70 16.91
C LEU A 276 -14.08 19.16 16.50
N LYS A 277 -13.26 19.95 17.21
CA LYS A 277 -13.03 21.34 16.85
C LYS A 277 -12.56 21.47 15.40
N GLN A 278 -11.67 20.56 14.97
CA GLN A 278 -11.08 20.67 13.66
C GLN A 278 -12.09 20.48 12.55
N ILE A 279 -13.17 19.74 12.84
CA ILE A 279 -14.25 19.53 11.85
C ILE A 279 -15.56 20.26 12.20
N ASN A 280 -15.45 21.30 13.04
CA ASN A 280 -16.58 22.20 13.35
C ASN A 280 -17.77 21.52 14.02
N ILE A 281 -17.47 20.68 15.00
CA ILE A 281 -18.47 20.01 15.78
C ILE A 281 -18.20 20.42 17.23
N PRO A 282 -19.28 20.70 18.01
CA PRO A 282 -19.13 21.13 19.40
C PRO A 282 -18.34 20.14 20.27
N VAL A 283 -17.35 20.68 20.95
CA VAL A 283 -16.62 19.98 22.00
C VAL A 283 -17.59 19.25 22.93
N ILE A 284 -17.16 18.11 23.47
CA ILE A 284 -18.01 17.28 24.36
C ILE A 284 -17.60 17.31 25.83
N PHE A 285 -16.31 17.31 26.09
CA PHE A 285 -15.79 17.21 27.47
C PHE A 285 -15.24 18.49 28.08
N ASP A 286 -14.60 19.32 27.28
CA ASP A 286 -14.05 20.61 27.73
C ASP A 286 -13.10 20.41 28.92
N VAL A 287 -12.00 19.69 28.65
CA VAL A 287 -11.03 19.31 29.67
C VAL A 287 -10.13 20.50 30.02
N LYS A 288 -9.93 20.73 31.32
CA LYS A 288 -9.13 21.87 31.78
C LYS A 288 -7.66 21.67 31.51
N VAL A 289 -6.94 22.78 31.34
CA VAL A 289 -5.51 22.78 31.01
C VAL A 289 -4.70 21.92 31.98
N GLU A 290 -4.99 22.03 33.28
CA GLU A 290 -4.17 21.33 34.25
C GLU A 290 -4.42 19.82 34.18
N ASP A 291 -5.62 19.40 33.77
CA ASP A 291 -5.89 17.99 33.53
C ASP A 291 -5.17 17.45 32.29
N TYR A 292 -5.33 18.09 31.13
CA TYR A 292 -4.73 17.55 29.89
C TYR A 292 -3.21 17.77 29.83
N LYS A 293 -2.66 18.67 30.63
CA LYS A 293 -1.20 18.84 30.69
C LYS A 293 -0.49 17.63 31.28
N ALA A 294 -1.18 16.85 32.10
CA ALA A 294 -0.60 15.65 32.72
C ALA A 294 0.15 14.73 31.72
N LEU A 295 -0.47 14.48 30.56
CA LEU A 295 0.16 13.67 29.51
C LEU A 295 0.67 14.50 28.33
N ALA A 296 1.01 15.77 28.60
CA ALA A 296 1.66 16.64 27.61
C ALA A 296 3.01 16.10 27.15
N TRP A 297 3.62 15.26 27.96
CA TRP A 297 4.88 14.62 27.57
C TRP A 297 4.74 13.63 26.39
N PHE A 298 3.52 13.21 26.08
CA PHE A 298 3.31 12.20 25.03
C PHE A 298 4.00 12.54 23.74
N GLU A 299 3.68 13.72 23.20
CA GLU A 299 4.24 14.17 21.92
C GLU A 299 5.76 14.22 21.91
N GLU A 300 6.34 14.66 23.02
CA GLU A 300 7.80 14.78 23.07
C GLU A 300 8.43 13.39 23.14
N GLU A 301 7.79 12.48 23.87
CA GLU A 301 8.28 11.10 23.92
C GLU A 301 8.17 10.39 22.58
N VAL A 302 7.08 10.64 21.84
CA VAL A 302 6.89 10.10 20.49
C VAL A 302 8.04 10.60 19.59
N PHE A 303 8.29 11.91 19.62
CA PHE A 303 9.40 12.52 18.86
C PHE A 303 10.75 11.90 19.28
N ALA A 304 11.03 11.83 20.58
CA ALA A 304 12.29 11.24 21.06
C ALA A 304 12.50 9.80 20.58
N ASN A 305 11.46 8.95 20.70
CA ASN A 305 11.57 7.54 20.28
C ASN A 305 11.36 7.29 18.79
N SER A 306 11.25 8.36 18.01
CA SER A 306 11.14 8.27 16.55
C SER A 306 12.52 7.98 15.95
N LEU A 307 13.57 8.14 16.75
CA LEU A 307 14.91 7.68 16.42
C LEU A 307 15.53 7.07 17.68
N LEU B 1 2.71 -35.78 2.50
CA LEU B 1 2.43 -37.00 1.70
C LEU B 1 0.91 -37.22 1.57
N VAL B 2 0.20 -37.21 2.69
CA VAL B 2 -1.25 -37.44 2.73
C VAL B 2 -2.07 -36.24 2.23
N PRO B 3 -2.61 -36.31 1.00
CA PRO B 3 -3.43 -35.18 0.56
C PRO B 3 -4.74 -35.11 1.33
N ARG B 4 -5.21 -33.90 1.54
CA ARG B 4 -6.44 -33.61 2.27
C ARG B 4 -7.63 -33.98 1.41
N GLY B 5 -8.65 -34.56 2.02
CA GLY B 5 -9.88 -34.87 1.30
C GLY B 5 -10.62 -33.60 0.91
N SER B 6 -10.51 -32.55 1.70
CA SER B 6 -11.14 -31.28 1.39
C SER B 6 -10.33 -30.18 2.04
N HIS B 7 -10.46 -28.97 1.54
CA HIS B 7 -9.78 -27.83 2.15
C HIS B 7 -10.32 -26.55 1.56
N MET B 8 -10.10 -25.45 2.26
CA MET B 8 -10.58 -24.16 1.77
C MET B 8 -9.69 -23.71 0.62
N SER B 9 -10.26 -23.04 -0.38
CA SER B 9 -9.48 -22.57 -1.53
C SER B 9 -8.91 -21.16 -1.30
N ILE B 10 -8.11 -20.70 -2.27
CA ILE B 10 -7.57 -19.36 -2.30
C ILE B 10 -8.66 -18.29 -2.44
N PHE B 11 -9.83 -18.70 -2.94
CA PHE B 11 -11.00 -17.82 -3.13
C PHE B 11 -11.92 -17.74 -1.93
N ASP B 12 -11.61 -18.47 -0.87
CA ASP B 12 -12.42 -18.44 0.34
C ASP B 12 -11.75 -17.54 1.34
N LYS B 13 -12.55 -16.99 2.23
CA LYS B 13 -12.14 -15.98 3.18
C LYS B 13 -11.72 -16.55 4.53
N ARG B 14 -10.41 -16.63 4.77
CA ARG B 14 -9.90 -16.87 6.11
C ARG B 14 -9.92 -15.59 6.95
N VAL B 15 -10.48 -15.69 8.15
CA VAL B 15 -10.75 -14.52 9.00
C VAL B 15 -9.61 -14.22 9.97
N ASN B 16 -8.97 -15.25 10.49
CA ASN B 16 -7.89 -15.04 11.45
C ASN B 16 -6.62 -14.64 10.73
N TYR B 17 -5.90 -13.69 11.33
CA TYR B 17 -4.80 -13.02 10.66
C TYR B 17 -3.63 -13.97 10.36
N LYS B 18 -3.17 -14.69 11.38
CA LYS B 18 -2.04 -15.61 11.28
C LYS B 18 -2.46 -16.94 11.91
N PRO B 19 -1.81 -18.05 11.50
CA PRO B 19 -0.74 -18.14 10.52
C PRO B 19 -1.20 -17.96 9.08
N PHE B 20 -0.30 -17.51 8.23
CA PHE B 20 -0.57 -17.31 6.82
C PHE B 20 -0.63 -18.67 6.10
N GLU B 21 -1.74 -18.92 5.40
CA GLU B 21 -1.87 -20.05 4.47
C GLU B 21 -0.93 -19.95 3.29
N TYR B 22 -0.52 -18.72 2.93
CA TYR B 22 0.41 -18.49 1.83
C TYR B 22 1.58 -17.62 2.29
N PRO B 23 2.45 -18.17 3.16
CA PRO B 23 3.52 -17.41 3.80
C PRO B 23 4.52 -16.77 2.84
N GLU B 24 4.63 -17.35 1.64
CA GLU B 24 5.60 -16.89 0.66
C GLU B 24 5.33 -15.45 0.20
N VAL B 25 4.06 -15.01 0.32
CA VAL B 25 3.68 -13.61 0.10
C VAL B 25 4.75 -12.66 0.65
N LEU B 26 5.21 -12.94 1.87
CA LEU B 26 6.22 -12.10 2.54
C LEU B 26 7.57 -11.96 1.79
N GLN B 27 7.95 -12.93 0.97
CA GLN B 27 9.13 -12.75 0.12
C GLN B 27 8.94 -11.54 -0.79
N PHE B 28 7.77 -11.42 -1.39
CA PHE B 28 7.49 -10.33 -2.31
C PHE B 28 7.32 -8.96 -1.61
N THR B 29 6.57 -8.92 -0.52
CA THR B 29 6.41 -7.66 0.22
C THR B 29 7.74 -7.17 0.82
N GLU B 30 8.55 -8.08 1.36
CA GLU B 30 9.88 -7.71 1.86
C GLU B 30 10.86 -7.21 0.78
N ALA B 31 10.79 -7.78 -0.41
CA ALA B 31 11.60 -7.31 -1.51
C ALA B 31 11.22 -5.87 -1.87
N ILE B 32 9.91 -5.59 -1.92
CA ILE B 32 9.47 -4.20 -2.18
C ILE B 32 9.90 -3.26 -1.06
N ASN B 33 9.65 -3.64 0.19
CA ASN B 33 10.07 -2.85 1.36
C ASN B 33 11.55 -2.54 1.30
N LYS B 34 12.35 -3.55 1.00
CA LYS B 34 13.81 -3.34 0.90
C LYS B 34 14.22 -2.41 -0.23
N ALA B 35 13.53 -2.44 -1.35
CA ALA B 35 13.84 -1.58 -2.49
C ALA B 35 13.18 -0.21 -2.42
N TYR B 36 12.58 0.14 -1.28
CA TYR B 36 11.68 1.29 -1.19
C TYR B 36 12.36 2.59 -1.62
N TRP B 37 11.66 3.37 -2.45
CA TRP B 37 12.20 4.60 -3.02
C TRP B 37 11.08 5.54 -3.40
N VAL B 38 11.38 6.84 -3.41
CA VAL B 38 10.48 7.86 -3.98
C VAL B 38 11.28 8.80 -4.88
N HIS B 39 10.62 9.47 -5.82
CA HIS B 39 11.29 10.35 -6.80
C HIS B 39 11.91 11.63 -6.18
N THR B 40 11.33 12.10 -5.07
CA THR B 40 11.84 13.25 -4.32
C THR B 40 13.30 13.04 -3.89
N GLU B 41 13.75 11.79 -3.83
CA GLU B 41 15.14 11.49 -3.56
C GLU B 41 16.07 12.04 -4.66
N VAL B 42 15.52 12.38 -5.82
CA VAL B 42 16.33 12.54 -7.03
C VAL B 42 16.24 13.93 -7.63
N ASP B 43 17.38 14.45 -8.07
CA ASP B 43 17.46 15.76 -8.72
C ASP B 43 17.97 15.52 -10.15
N PHE B 44 17.29 16.11 -11.11
CA PHE B 44 17.49 15.80 -12.52
C PHE B 44 18.26 16.88 -13.30
N THR B 45 18.80 17.88 -12.59
CA THR B 45 19.55 19.00 -13.21
C THR B 45 20.64 18.56 -14.22
N ALA B 46 21.49 17.62 -13.80
CA ALA B 46 22.51 17.07 -14.68
C ALA B 46 21.91 16.45 -15.96
N ASP B 47 20.83 15.69 -15.80
CA ASP B 47 20.15 15.01 -16.91
C ASP B 47 19.56 15.98 -17.93
N THR B 48 19.03 17.11 -17.47
CA THR B 48 18.46 18.09 -18.37
C THR B 48 19.56 18.80 -19.17
N GLN B 49 20.71 19.02 -18.52
CA GLN B 49 21.85 19.62 -19.21
C GLN B 49 22.40 18.65 -20.26
N ASP B 50 22.55 17.37 -19.89
CA ASP B 50 22.90 16.30 -20.82
C ASP B 50 21.97 16.29 -22.04
N PHE B 51 20.66 16.30 -21.75
CA PHE B 51 19.59 16.35 -22.74
C PHE B 51 19.72 17.56 -23.67
N HIS B 52 19.88 18.73 -23.07
CA HIS B 52 19.99 19.99 -23.81
C HIS B 52 21.18 20.05 -24.76
N ALA B 53 22.35 19.62 -24.26
CA ALA B 53 23.60 19.92 -24.94
C ALA B 53 24.12 18.76 -25.76
N HIS B 54 23.95 17.53 -25.26
CA HIS B 54 24.67 16.38 -25.78
C HIS B 54 23.85 15.28 -26.44
N LEU B 55 22.53 15.40 -26.50
CA LEU B 55 21.74 14.39 -27.21
C LEU B 55 21.26 14.87 -28.56
N SER B 56 21.32 14.01 -29.58
CA SER B 56 20.81 14.37 -30.91
C SER B 56 19.28 14.49 -30.86
N LEU B 57 18.67 14.93 -31.95
CA LEU B 57 17.20 14.92 -32.05
C LEU B 57 16.70 13.46 -31.99
N ALA B 58 17.34 12.55 -32.73
CA ALA B 58 16.97 11.13 -32.67
C ALA B 58 16.99 10.58 -31.24
N GLU B 59 18.03 10.94 -30.50
CA GLU B 59 18.18 10.51 -29.10
C GLU B 59 17.17 11.13 -28.16
N LYS B 60 17.01 12.44 -28.23
CA LYS B 60 15.98 13.16 -27.48
C LYS B 60 14.58 12.60 -27.67
N THR B 61 14.27 12.29 -28.92
CA THR B 61 12.97 11.78 -29.29
C THR B 61 12.82 10.34 -28.77
N ALA B 62 13.86 9.53 -28.81
CA ALA B 62 13.82 8.20 -28.17
C ALA B 62 13.56 8.27 -26.65
N VAL B 63 14.19 9.25 -25.98
CA VAL B 63 13.99 9.44 -24.56
C VAL B 63 12.58 9.89 -24.27
N LYS B 64 12.15 10.93 -24.96
CA LYS B 64 10.83 11.48 -24.83
C LYS B 64 9.72 10.42 -25.07
N ASN B 65 9.82 9.67 -26.17
CA ASN B 65 8.78 8.70 -26.50
C ASN B 65 8.82 7.47 -25.59
N SER B 66 10.02 7.06 -25.16
CA SER B 66 10.13 5.95 -24.22
C SER B 66 9.45 6.33 -22.90
N LEU B 67 9.60 7.58 -22.50
CA LEU B 67 8.99 8.08 -21.28
C LEU B 67 7.49 8.31 -21.42
N LEU B 68 7.05 8.77 -22.58
CA LEU B 68 5.62 8.86 -22.84
C LEU B 68 4.97 7.48 -22.81
N ALA B 69 5.65 6.50 -23.39
CA ALA B 69 5.15 5.12 -23.38
C ALA B 69 5.09 4.52 -21.96
N ILE B 70 6.11 4.76 -21.14
CA ILE B 70 6.09 4.29 -19.76
C ILE B 70 4.97 4.98 -19.02
N ALA B 71 4.89 6.31 -19.16
CA ALA B 71 3.83 7.12 -18.55
C ALA B 71 2.41 6.66 -18.92
N GLN B 72 2.27 6.17 -20.14
CA GLN B 72 0.96 5.72 -20.60
C GLN B 72 0.39 4.61 -19.71
N ILE B 73 1.25 3.71 -19.26
CA ILE B 73 0.86 2.69 -18.27
C ILE B 73 0.94 3.21 -16.83
N GLU B 74 2.00 3.97 -16.51
CA GLU B 74 2.33 4.29 -15.10
C GLU B 74 1.57 5.48 -14.54
N VAL B 75 1.35 6.49 -15.37
CA VAL B 75 0.62 7.66 -14.94
C VAL B 75 -0.86 7.41 -15.17
N ALA B 76 -1.47 6.73 -14.21
CA ALA B 76 -2.84 6.29 -14.30
C ALA B 76 -3.20 5.73 -12.94
N VAL B 77 -4.48 5.55 -12.72
CA VAL B 77 -4.96 4.77 -11.58
C VAL B 77 -4.84 3.31 -11.99
N LYS B 78 -4.00 2.54 -11.29
CA LYS B 78 -3.81 1.13 -11.61
C LYS B 78 -4.43 0.36 -10.45
N SER B 79 -5.69 -0.04 -10.60
CA SER B 79 -6.41 -0.60 -9.47
C SER B 79 -6.34 -2.13 -9.31
N PHE B 80 -5.60 -2.83 -10.16
CA PHE B 80 -5.51 -4.31 -10.07
C PHE B 80 -5.00 -4.82 -8.72
N TRP B 81 -3.80 -4.42 -8.33
CA TRP B 81 -3.22 -4.95 -7.11
C TRP B 81 -4.06 -4.61 -5.87
N GLY B 82 -4.58 -3.39 -5.81
CA GLY B 82 -5.51 -2.99 -4.75
C GLY B 82 -6.81 -3.79 -4.70
N ASN B 83 -7.12 -4.50 -5.78
CA ASN B 83 -8.37 -5.24 -5.96
C ASN B 83 -8.22 -6.76 -5.69
N ILE B 84 -7.01 -7.30 -5.64
CA ILE B 84 -6.83 -8.77 -5.54
C ILE B 84 -7.50 -9.39 -4.29
N TYR B 85 -7.47 -8.70 -3.15
CA TYR B 85 -8.12 -9.20 -1.94
C TYR B 85 -9.62 -9.44 -2.14
N GLU B 86 -10.22 -8.72 -3.10
CA GLU B 86 -11.62 -8.96 -3.44
C GLU B 86 -11.82 -10.33 -4.05
N HIS B 87 -10.76 -10.91 -4.60
CA HIS B 87 -10.82 -12.24 -5.23
C HIS B 87 -10.19 -13.35 -4.38
N PHE B 88 -9.12 -13.02 -3.66
CA PHE B 88 -8.40 -13.93 -2.75
C PHE B 88 -8.48 -13.34 -1.32
N PRO B 89 -9.63 -13.53 -0.63
CA PRO B 89 -9.85 -12.87 0.67
C PRO B 89 -9.06 -13.44 1.85
N LYS B 90 -7.74 -13.32 1.75
CA LYS B 90 -6.82 -13.70 2.78
C LYS B 90 -6.12 -12.44 3.26
N PRO B 91 -5.89 -12.33 4.58
CA PRO B 91 -4.99 -11.32 5.14
C PRO B 91 -3.67 -11.10 4.40
N GLU B 92 -3.02 -12.19 3.97
CA GLU B 92 -1.73 -12.09 3.28
C GLU B 92 -1.88 -11.45 1.92
N PHE B 93 -3.02 -11.66 1.26
CA PHE B 93 -3.21 -11.09 -0.04
C PHE B 93 -3.70 -9.65 0.04
N ASN B 94 -4.34 -9.25 1.13
CA ASN B 94 -4.54 -7.82 1.34
C ASN B 94 -3.19 -7.13 1.49
N GLY B 95 -2.26 -7.77 2.19
CA GLY B 95 -0.91 -7.21 2.37
C GLY B 95 -0.09 -7.13 1.10
N LEU B 96 -0.11 -8.19 0.30
CA LEU B 96 0.52 -8.15 -1.03
C LEU B 96 -0.17 -7.10 -1.94
N GLY B 97 -1.49 -7.13 -2.00
CA GLY B 97 -2.27 -6.16 -2.76
C GLY B 97 -1.95 -4.71 -2.39
N SER B 98 -1.98 -4.41 -1.11
CA SER B 98 -1.74 -3.06 -0.60
C SER B 98 -0.30 -2.65 -0.83
N THR B 99 0.63 -3.57 -0.58
CA THR B 99 2.00 -3.29 -0.85
C THR B 99 2.29 -2.92 -2.33
N PHE B 100 1.76 -3.69 -3.28
CA PHE B 100 2.01 -3.42 -4.71
C PHE B 100 1.23 -2.19 -5.21
N ALA B 101 0.03 -1.99 -4.69
CA ALA B 101 -0.77 -0.80 -4.98
C ALA B 101 -0.10 0.49 -4.53
N GLU B 102 0.46 0.53 -3.32
CA GLU B 102 1.20 1.74 -2.89
C GLU B 102 2.41 1.98 -3.79
N CYS B 103 3.12 0.90 -4.11
CA CYS B 103 4.25 0.95 -5.02
C CYS B 103 3.87 1.60 -6.37
N GLU B 104 2.71 1.21 -6.92
CA GLU B 104 2.27 1.76 -8.20
C GLU B 104 1.95 3.31 -8.10
N PHE B 105 1.60 3.80 -6.91
CA PHE B 105 1.41 5.24 -6.70
C PHE B 105 2.76 5.98 -6.62
N ARG B 106 3.75 5.35 -5.99
CA ARG B 106 5.13 5.88 -6.08
C ARG B 106 5.56 5.94 -7.55
N HIS B 107 5.14 4.94 -8.35
CA HIS B 107 5.45 4.94 -9.78
C HIS B 107 4.80 6.09 -10.54
N SER B 108 3.50 6.26 -10.34
CA SER B 108 2.72 7.29 -11.01
C SER B 108 3.27 8.68 -10.66
N GLU B 109 3.59 8.90 -9.40
CA GLU B 109 4.19 10.18 -9.02
C GLU B 109 5.57 10.37 -9.67
N ALA B 110 6.39 9.31 -9.74
CA ALA B 110 7.71 9.41 -10.34
C ALA B 110 7.65 9.84 -11.81
N TYR B 111 6.84 9.16 -12.60
CA TYR B 111 6.77 9.45 -14.05
C TYR B 111 6.03 10.77 -14.33
N SER B 112 5.07 11.13 -13.46
CA SER B 112 4.43 12.44 -13.52
C SER B 112 5.51 13.55 -13.34
N ARG B 113 6.38 13.38 -12.36
CA ARG B 113 7.53 14.26 -12.18
C ARG B 113 8.42 14.37 -13.43
N LEU B 114 8.81 13.24 -14.03
CA LEU B 114 9.68 13.28 -15.22
C LEU B 114 9.03 14.01 -16.38
N LEU B 115 7.73 13.83 -16.56
CA LEU B 115 6.97 14.58 -17.55
C LEU B 115 7.02 16.10 -17.35
N GLU B 116 6.84 16.54 -16.10
CA GLU B 116 6.90 17.97 -15.80
C GLU B 116 8.32 18.49 -15.99
N VAL B 117 9.30 17.73 -15.49
CA VAL B 117 10.71 18.11 -15.56
C VAL B 117 11.17 18.23 -17.01
N LEU B 118 10.76 17.31 -17.88
CA LEU B 118 11.26 17.32 -19.24
C LEU B 118 10.40 18.13 -20.19
N GLY B 119 9.28 18.65 -19.69
CA GLY B 119 8.39 19.52 -20.45
C GLY B 119 7.44 18.79 -21.39
N TYR B 120 6.99 17.58 -21.01
CA TYR B 120 6.18 16.74 -21.91
C TYR B 120 4.73 16.55 -21.49
N ASN B 121 4.20 17.47 -20.67
CA ASN B 121 2.81 17.37 -20.22
C ASN B 121 1.80 17.54 -21.35
N ASP B 122 2.10 18.45 -22.27
CA ASP B 122 1.28 18.67 -23.46
C ASP B 122 1.25 17.44 -24.35
N GLU B 123 2.42 16.85 -24.58
CA GLU B 123 2.49 15.68 -25.45
C GLU B 123 1.79 14.48 -24.80
N PHE B 124 1.87 14.38 -23.48
CA PHE B 124 1.20 13.30 -22.77
C PHE B 124 -0.32 13.44 -22.85
N GLU B 125 -0.84 14.65 -22.68
CA GLU B 125 -2.29 14.86 -22.76
C GLU B 125 -2.88 14.46 -24.11
N LYS B 126 -2.07 14.58 -25.17
CA LYS B 126 -2.53 14.31 -26.53
C LYS B 126 -2.03 12.98 -27.04
N LEU B 127 -1.59 12.10 -26.15
CA LEU B 127 -0.87 10.90 -26.57
C LEU B 127 -1.73 9.97 -27.43
N LEU B 128 -3.04 10.05 -27.26
CA LEU B 128 -3.97 9.24 -28.02
C LEU B 128 -4.10 9.70 -29.49
N ASP B 129 -3.42 10.79 -29.86
CA ASP B 129 -3.26 11.14 -31.28
C ASP B 129 -2.32 10.18 -32.01
N VAL B 130 -1.50 9.42 -31.28
CA VAL B 130 -0.58 8.49 -31.90
C VAL B 130 -1.30 7.16 -32.16
N PRO B 131 -1.37 6.75 -33.45
CA PRO B 131 -2.12 5.52 -33.79
C PRO B 131 -1.67 4.29 -33.02
N VAL B 132 -0.36 4.11 -32.88
CA VAL B 132 0.15 2.89 -32.28
C VAL B 132 -0.16 2.82 -30.78
N ILE B 133 -0.23 3.98 -30.15
CA ILE B 133 -0.65 4.07 -28.74
C ILE B 133 -2.13 3.69 -28.57
N ARG B 134 -2.99 4.11 -29.49
CA ARG B 134 -4.41 3.73 -29.44
C ARG B 134 -4.59 2.22 -29.58
N ARG B 135 -3.71 1.58 -30.35
CA ARG B 135 -3.68 0.13 -30.46
C ARG B 135 -3.10 -0.51 -29.20
N ARG B 136 -2.16 0.16 -28.55
CA ARG B 136 -1.70 -0.33 -27.26
C ARG B 136 -2.84 -0.27 -26.22
N VAL B 137 -3.57 0.84 -26.18
CA VAL B 137 -4.72 0.93 -25.30
C VAL B 137 -5.71 -0.24 -25.54
N ASP B 138 -5.90 -0.62 -26.80
CA ASP B 138 -6.80 -1.75 -27.12
C ASP B 138 -6.33 -3.06 -26.54
N TYR B 139 -5.06 -3.41 -26.76
CA TYR B 139 -4.57 -4.68 -26.21
C TYR B 139 -4.52 -4.66 -24.67
N LEU B 140 -4.30 -3.48 -24.10
CA LEU B 140 -4.29 -3.32 -22.64
C LEU B 140 -5.69 -3.47 -22.08
N SER B 141 -6.68 -2.95 -22.80
CA SER B 141 -8.07 -3.08 -22.38
C SER B 141 -8.58 -4.53 -22.45
N ASN B 142 -8.01 -5.33 -23.35
CA ASN B 142 -8.35 -6.76 -23.43
C ASN B 142 -7.77 -7.58 -22.30
N VAL B 143 -6.53 -7.27 -21.91
CA VAL B 143 -5.93 -7.85 -20.71
C VAL B 143 -6.80 -7.53 -19.49
N LEU B 144 -7.16 -6.27 -19.36
CA LEU B 144 -7.82 -5.76 -18.16
C LEU B 144 -9.34 -5.98 -18.09
N LYS B 145 -9.96 -6.53 -19.13
CA LYS B 145 -11.43 -6.57 -19.19
C LYS B 145 -12.08 -7.45 -18.08
N ASP B 146 -11.47 -8.57 -17.71
CA ASP B 146 -12.01 -9.45 -16.66
C ASP B 146 -11.33 -9.28 -15.28
N THR B 147 -10.71 -8.12 -15.07
CA THR B 147 -10.05 -7.77 -13.81
C THR B 147 -11.02 -7.81 -12.63
N LYS B 148 -12.24 -7.31 -12.82
CA LYS B 148 -13.26 -7.27 -11.77
C LYS B 148 -14.34 -8.35 -11.98
N SER B 149 -14.00 -9.45 -12.65
CA SER B 149 -14.99 -10.49 -12.94
C SER B 149 -15.19 -11.39 -11.74
N GLN B 150 -16.44 -11.64 -11.39
CA GLN B 150 -16.78 -12.65 -10.38
C GLN B 150 -16.50 -14.07 -10.89
N ASP B 151 -16.45 -14.25 -12.21
CA ASP B 151 -16.11 -15.55 -12.78
C ASP B 151 -14.62 -15.79 -12.61
N ASN B 152 -14.27 -16.75 -11.77
CA ASN B 152 -12.89 -16.98 -11.34
C ASN B 152 -11.94 -17.44 -12.44
N ARG B 153 -12.45 -18.20 -13.41
CA ARG B 153 -11.63 -18.67 -14.54
C ARG B 153 -11.19 -17.51 -15.40
N LYS B 154 -12.14 -16.64 -15.72
CA LYS B 154 -11.87 -15.43 -16.49
C LYS B 154 -10.91 -14.50 -15.75
N TYR B 155 -11.16 -14.27 -14.46
CA TYR B 155 -10.27 -13.43 -13.67
C TYR B 155 -8.84 -13.97 -13.68
N MET B 156 -8.73 -15.28 -13.53
CA MET B 156 -7.43 -15.97 -13.61
C MET B 156 -6.72 -15.63 -14.92
N VAL B 157 -7.49 -15.54 -16.02
CA VAL B 157 -6.96 -15.18 -17.33
C VAL B 157 -6.44 -13.74 -17.33
N SER B 158 -7.23 -12.83 -16.76
CA SER B 158 -6.80 -11.46 -16.61
C SER B 158 -5.48 -11.40 -15.87
N LEU B 159 -5.39 -12.14 -14.77
CA LEU B 159 -4.19 -12.18 -13.93
C LEU B 159 -2.95 -12.70 -14.68
N ILE B 160 -3.13 -13.77 -15.46
CA ILE B 160 -2.03 -14.31 -16.28
C ILE B 160 -1.49 -13.26 -17.23
N LEU B 161 -2.39 -12.63 -17.96
CA LEU B 161 -2.01 -11.63 -18.96
C LEU B 161 -1.47 -10.38 -18.26
N PHE B 162 -2.10 -10.00 -17.16
CA PHE B 162 -1.63 -8.86 -16.39
C PHE B 162 -0.18 -9.05 -15.98
N SER B 163 0.15 -10.24 -15.48
CA SER B 163 1.47 -10.55 -14.94
C SER B 163 2.55 -10.73 -16.00
N ILE B 164 2.25 -11.48 -17.06
CA ILE B 164 3.24 -11.78 -18.09
C ILE B 164 3.41 -10.66 -19.12
N LEU B 165 2.35 -9.91 -19.39
CA LEU B 165 2.41 -8.82 -20.34
C LEU B 165 2.66 -7.49 -19.61
N ILE B 166 1.66 -7.01 -18.88
CA ILE B 166 1.69 -5.63 -18.38
C ILE B 166 2.81 -5.39 -17.36
N GLU B 167 2.98 -6.33 -16.43
CA GLU B 167 4.03 -6.21 -15.42
C GLU B 167 5.39 -6.66 -15.90
N ASN B 168 5.45 -7.71 -16.69
CA ASN B 168 6.73 -8.31 -17.00
C ASN B 168 7.36 -7.86 -18.33
N VAL B 169 6.56 -7.35 -19.26
CA VAL B 169 7.05 -7.07 -20.62
C VAL B 169 6.77 -5.69 -21.19
N SER B 170 5.54 -5.20 -21.05
CA SER B 170 5.07 -4.03 -21.76
C SER B 170 5.94 -2.79 -21.61
N LEU B 171 6.57 -2.64 -20.45
CA LEU B 171 7.44 -1.50 -20.11
C LEU B 171 8.92 -1.74 -20.40
N PHE B 172 9.33 -2.99 -20.49
CA PHE B 172 10.75 -3.29 -20.36
C PHE B 172 11.64 -2.85 -21.55
N SER B 173 11.04 -2.65 -22.72
CA SER B 173 11.78 -2.12 -23.87
C SER B 173 12.12 -0.64 -23.63
N GLN B 174 11.19 0.08 -23.02
CA GLN B 174 11.42 1.47 -22.69
C GLN B 174 12.47 1.60 -21.59
N PHE B 175 12.39 0.72 -20.59
CA PHE B 175 13.40 0.68 -19.55
C PHE B 175 14.80 0.45 -20.14
N ALA B 176 14.90 -0.51 -21.05
CA ALA B 176 16.19 -0.83 -21.65
C ALA B 176 16.75 0.36 -22.43
N ILE B 177 15.88 1.03 -23.20
CA ILE B 177 16.33 2.15 -24.03
C ILE B 177 16.90 3.25 -23.15
N LEU B 178 16.17 3.60 -22.10
CA LEU B 178 16.61 4.66 -21.24
C LEU B 178 17.91 4.26 -20.56
N LEU B 179 17.98 3.04 -20.06
CA LEU B 179 19.21 2.58 -19.43
C LEU B 179 20.43 2.59 -20.38
N SER B 180 20.20 2.27 -21.66
CA SER B 180 21.29 2.25 -22.66
C SER B 180 22.07 3.57 -22.70
N PHE B 181 21.39 4.69 -22.47
CA PHE B 181 22.03 6.01 -22.49
C PHE B 181 23.07 6.17 -21.40
N THR B 182 22.81 5.55 -20.26
CA THR B 182 23.75 5.58 -19.14
C THR B 182 24.83 4.55 -19.38
N ARG B 183 24.45 3.32 -19.72
CA ARG B 183 25.43 2.25 -19.91
C ARG B 183 26.46 2.58 -20.98
N PHE B 184 25.98 3.07 -22.12
CA PHE B 184 26.84 3.28 -23.26
C PHE B 184 27.36 4.72 -23.44
N LYS B 185 26.70 5.72 -22.88
CA LYS B 185 27.19 7.12 -23.02
C LYS B 185 27.31 7.93 -21.74
N GLY B 186 27.05 7.32 -20.59
CA GLY B 186 27.13 8.00 -19.31
C GLY B 186 26.20 9.19 -19.12
N TYR B 187 25.13 9.27 -19.91
CA TYR B 187 24.15 10.36 -19.76
C TYR B 187 22.89 9.87 -19.05
N MET B 188 22.09 10.82 -18.55
CA MET B 188 20.77 10.54 -17.95
C MET B 188 20.86 9.61 -16.73
N LYS B 189 21.87 9.78 -15.90
CA LYS B 189 22.08 8.87 -14.73
C LYS B 189 20.92 8.84 -13.73
N ASN B 190 20.31 9.99 -13.48
CA ASN B 190 19.27 10.11 -12.48
C ASN B 190 17.97 9.52 -13.01
N VAL B 191 17.68 9.80 -14.27
CA VAL B 191 16.56 9.20 -14.94
C VAL B 191 16.73 7.68 -14.88
N SER B 192 17.93 7.20 -15.16
CA SER B 192 18.19 5.77 -15.12
C SER B 192 18.05 5.17 -13.71
N ASN B 193 18.28 5.97 -12.67
CA ASN B 193 17.95 5.51 -11.30
C ASN B 193 16.48 5.20 -11.18
N ILE B 194 15.63 6.17 -11.54
CA ILE B 194 14.18 5.99 -11.47
C ILE B 194 13.80 4.72 -12.24
N ILE B 195 14.33 4.57 -13.46
CA ILE B 195 13.98 3.44 -14.31
C ILE B 195 14.46 2.10 -13.75
N ALA B 196 15.68 2.05 -13.27
CA ALA B 196 16.20 0.86 -12.62
C ALA B 196 15.33 0.46 -11.43
N TRP B 197 14.97 1.43 -10.60
CA TRP B 197 14.12 1.13 -9.43
C TRP B 197 12.72 0.65 -9.84
N THR B 198 12.16 1.22 -10.89
CA THR B 198 10.86 0.79 -11.40
C THR B 198 10.95 -0.65 -11.95
N SER B 199 12.01 -0.92 -12.71
CA SER B 199 12.27 -2.27 -13.26
C SER B 199 12.29 -3.33 -12.19
N ILE B 200 13.00 -3.04 -11.09
CA ILE B 200 13.08 -3.94 -9.93
C ILE B 200 11.69 -4.19 -9.35
N ASP B 201 10.94 -3.11 -9.13
CA ASP B 201 9.56 -3.21 -8.68
C ASP B 201 8.71 -4.04 -9.62
N GLU B 202 8.76 -3.77 -10.92
CA GLU B 202 7.84 -4.46 -11.81
C GLU B 202 8.18 -5.95 -11.94
N GLN B 203 9.44 -6.30 -11.77
CA GLN B 203 9.82 -7.71 -11.77
C GLN B 203 9.19 -8.44 -10.58
N ILE B 204 9.26 -7.80 -9.42
CA ILE B 204 8.65 -8.34 -8.22
C ILE B 204 7.14 -8.49 -8.37
N HIS B 205 6.47 -7.53 -9.03
CA HIS B 205 5.02 -7.63 -9.23
C HIS B 205 4.67 -8.79 -10.13
N ALA B 206 5.44 -8.93 -11.21
CA ALA B 206 5.27 -10.05 -12.14
C ALA B 206 5.50 -11.41 -11.46
N ASN B 207 6.53 -11.53 -10.64
CA ASN B 207 6.80 -12.80 -9.93
C ASN B 207 5.75 -13.11 -8.87
N GLY B 208 5.23 -12.06 -8.22
CA GLY B 208 4.12 -12.23 -7.29
C GLY B 208 2.89 -12.73 -8.00
N GLY B 209 2.62 -12.15 -9.18
CA GLY B 209 1.53 -12.62 -10.03
C GLY B 209 1.71 -14.09 -10.39
N ILE B 210 2.92 -14.44 -10.80
CA ILE B 210 3.28 -15.80 -11.17
C ILE B 210 3.10 -16.78 -10.01
N TYR B 211 3.53 -16.38 -8.82
CA TYR B 211 3.26 -17.19 -7.63
C TYR B 211 1.77 -17.48 -7.49
N ILE B 212 0.93 -16.46 -7.63
CA ILE B 212 -0.51 -16.65 -7.43
C ILE B 212 -1.11 -17.58 -8.49
N ILE B 213 -0.68 -17.40 -9.75
CA ILE B 213 -1.11 -18.28 -10.85
C ILE B 213 -0.73 -19.74 -10.56
N ASN B 214 0.49 -19.96 -10.10
CA ASN B 214 0.95 -21.31 -9.73
C ASN B 214 0.19 -21.94 -8.53
N LYS B 215 -0.24 -21.12 -7.58
CA LYS B 215 -1.09 -21.63 -6.48
C LYS B 215 -2.48 -22.04 -7.00
N ILE B 216 -3.02 -21.26 -7.91
CA ILE B 216 -4.30 -21.59 -8.56
C ILE B 216 -4.14 -22.89 -9.37
N ARG B 217 -2.99 -23.06 -10.03
CA ARG B 217 -2.64 -24.33 -10.71
C ARG B 217 -2.83 -25.55 -9.81
N GLU B 218 -2.25 -25.48 -8.62
CA GLU B 218 -2.27 -26.58 -7.66
C GLU B 218 -3.68 -26.87 -7.17
N GLU B 219 -4.42 -25.82 -6.84
CA GLU B 219 -5.76 -25.98 -6.29
C GLU B 219 -6.84 -26.26 -7.34
N PHE B 220 -6.69 -25.69 -8.54
CA PHE B 220 -7.71 -25.86 -9.57
C PHE B 220 -7.05 -26.21 -10.89
N PRO B 221 -6.40 -27.40 -10.97
CA PRO B 221 -5.68 -27.75 -12.19
C PRO B 221 -6.58 -27.77 -13.44
N ASP B 222 -7.88 -28.05 -13.26
CA ASP B 222 -8.86 -28.02 -14.35
C ASP B 222 -8.96 -26.66 -15.08
N TYR B 223 -8.49 -25.59 -14.44
CA TYR B 223 -8.56 -24.25 -15.03
C TYR B 223 -7.61 -24.05 -16.23
N PHE B 224 -6.48 -24.77 -16.26
CA PHE B 224 -5.49 -24.57 -17.33
C PHE B 224 -5.78 -25.46 -18.55
N ASP B 225 -7.00 -25.31 -19.08
CA ASP B 225 -7.52 -26.16 -20.15
C ASP B 225 -7.01 -25.70 -21.51
N GLU B 226 -7.41 -26.45 -22.54
CA GLU B 226 -6.92 -26.20 -23.89
C GLU B 226 -7.25 -24.81 -24.42
N GLU B 227 -8.53 -24.43 -24.34
CA GLU B 227 -8.98 -23.13 -24.85
C GLU B 227 -8.31 -21.97 -24.15
N THR B 228 -8.14 -22.09 -22.83
CA THR B 228 -7.58 -21.02 -22.00
C THR B 228 -6.10 -20.81 -22.35
N LEU B 229 -5.33 -21.89 -22.38
CA LEU B 229 -3.93 -21.80 -22.79
C LEU B 229 -3.77 -21.19 -24.19
N ALA B 230 -4.64 -21.59 -25.13
CA ALA B 230 -4.62 -21.02 -26.49
C ALA B 230 -5.04 -19.55 -26.50
N LEU B 231 -6.05 -19.20 -25.71
CA LEU B 231 -6.49 -17.80 -25.56
C LEU B 231 -5.35 -16.89 -25.10
N VAL B 232 -4.48 -17.41 -24.24
CA VAL B 232 -3.33 -16.69 -23.71
C VAL B 232 -2.22 -16.56 -24.77
N ARG B 233 -1.93 -17.67 -25.44
CA ARG B 233 -0.93 -17.71 -26.50
C ARG B 233 -1.22 -16.65 -27.57
N GLU B 234 -2.48 -16.56 -27.99
CA GLU B 234 -2.87 -15.63 -29.05
C GLU B 234 -2.77 -14.17 -28.63
N THR B 235 -3.27 -13.87 -27.44
CA THR B 235 -3.22 -12.50 -26.91
C THR B 235 -1.77 -12.04 -26.77
N VAL B 236 -0.90 -12.90 -26.27
CA VAL B 236 0.52 -12.57 -26.16
C VAL B 236 1.09 -12.22 -27.54
N LYS B 237 0.90 -13.11 -28.51
CA LYS B 237 1.38 -12.88 -29.87
C LYS B 237 1.00 -11.51 -30.37
N ASP B 238 -0.29 -11.19 -30.36
CA ASP B 238 -0.78 -9.88 -30.76
C ASP B 238 -0.07 -8.76 -29.99
N SER B 239 -0.03 -8.87 -28.66
CA SER B 239 0.54 -7.81 -27.83
C SER B 239 1.98 -7.48 -28.22
N ILE B 240 2.78 -8.51 -28.44
CA ILE B 240 4.16 -8.30 -28.91
C ILE B 240 4.22 -7.57 -30.26
N ALA B 241 3.22 -7.77 -31.11
CA ALA B 241 3.17 -7.06 -32.40
C ALA B 241 3.00 -5.56 -32.19
N VAL B 242 2.14 -5.20 -31.23
CA VAL B 242 1.88 -3.80 -30.93
C VAL B 242 3.12 -3.15 -30.33
N GLU B 243 3.78 -3.85 -29.41
CA GLU B 243 4.98 -3.34 -28.75
C GLU B 243 6.19 -3.25 -29.68
N SER B 244 6.19 -4.03 -30.75
CA SER B 244 7.20 -3.89 -31.79
C SER B 244 7.01 -2.61 -32.53
N ASP B 245 5.74 -2.30 -32.81
CA ASP B 245 5.40 -1.07 -33.50
C ASP B 245 5.58 0.14 -32.61
N ILE B 246 5.51 -0.06 -31.29
CA ILE B 246 5.78 1.04 -30.37
C ILE B 246 7.24 1.50 -30.56
N LEU B 247 8.13 0.54 -30.75
CA LEU B 247 9.55 0.81 -31.04
C LEU B 247 9.74 1.69 -32.27
N ASP B 248 8.91 1.49 -33.29
CA ASP B 248 9.03 2.24 -34.55
C ASP B 248 8.64 3.69 -34.34
N TRP B 249 7.65 3.89 -33.48
CA TRP B 249 7.26 5.22 -33.06
C TRP B 249 8.30 5.86 -32.13
N ILE B 250 8.83 5.11 -31.16
CA ILE B 250 9.85 5.66 -30.26
C ILE B 250 11.08 6.17 -31.05
N PHE B 251 11.50 5.41 -32.04
CA PHE B 251 12.62 5.79 -32.92
C PHE B 251 12.18 6.51 -34.19
N GLU B 252 11.05 7.20 -34.16
CA GLU B 252 10.52 7.90 -35.32
C GLU B 252 11.50 8.86 -36.01
N GLU B 253 12.37 9.52 -35.24
CA GLU B 253 13.38 10.42 -35.82
C GLU B 253 14.68 9.71 -36.24
N GLY B 254 14.69 8.39 -36.14
CA GLY B 254 15.79 7.60 -36.68
C GLY B 254 16.39 6.71 -35.63
N GLU B 255 17.17 5.72 -36.08
CA GLU B 255 17.76 4.74 -35.17
C GLU B 255 18.92 5.43 -34.44
N ILE B 256 19.23 4.95 -33.24
CA ILE B 256 20.31 5.49 -32.44
C ILE B 256 21.40 4.47 -32.13
N GLU B 257 22.53 4.99 -31.68
CA GLU B 257 23.72 4.19 -31.41
C GLU B 257 23.63 3.21 -30.22
N SER B 258 23.01 3.63 -29.12
CA SER B 258 23.09 2.85 -27.88
C SER B 258 22.23 1.58 -27.85
N ILE B 259 21.28 1.44 -28.78
CA ILE B 259 20.38 0.29 -28.76
C ILE B 259 19.58 0.14 -30.07
N LYS B 260 19.23 -1.10 -30.41
CA LYS B 260 18.58 -1.42 -31.69
C LYS B 260 17.24 -2.15 -31.52
N LYS B 261 16.31 -1.89 -32.44
CA LYS B 261 14.96 -2.43 -32.37
C LYS B 261 14.90 -3.94 -32.33
N GLY B 262 15.71 -4.58 -33.17
CA GLY B 262 15.69 -6.04 -33.31
C GLY B 262 16.10 -6.74 -32.03
N ASP B 263 17.13 -6.20 -31.41
CA ASP B 263 17.60 -6.69 -30.13
C ASP B 263 16.50 -6.57 -29.06
N LEU B 264 15.80 -5.43 -29.07
CA LEU B 264 14.70 -5.18 -28.12
C LEU B 264 13.55 -6.15 -28.34
N VAL B 265 13.22 -6.44 -29.60
CA VAL B 265 12.11 -7.33 -29.91
C VAL B 265 12.42 -8.74 -29.43
N ASN B 266 13.65 -9.19 -29.63
CA ASN B 266 14.05 -10.52 -29.16
C ASN B 266 14.15 -10.56 -27.62
N PHE B 267 14.50 -9.42 -27.03
CA PHE B 267 14.51 -9.24 -25.57
C PHE B 267 13.09 -9.45 -25.01
N MET B 268 12.09 -8.81 -25.63
CA MET B 268 10.70 -8.99 -25.20
C MET B 268 10.23 -10.44 -25.40
N LYS B 269 10.38 -10.96 -26.61
CA LYS B 269 9.95 -12.33 -26.93
C LYS B 269 10.52 -13.30 -25.90
N PHE B 270 11.81 -13.17 -25.65
CA PHE B 270 12.52 -14.03 -24.71
C PHE B 270 11.88 -14.00 -23.32
N ARG B 271 11.68 -12.80 -22.78
CA ARG B 271 11.17 -12.69 -21.40
C ARG B 271 9.73 -13.17 -21.28
N ILE B 272 8.96 -13.05 -22.35
CA ILE B 272 7.64 -13.69 -22.44
C ILE B 272 7.71 -15.21 -22.25
N ASP B 273 8.56 -15.84 -23.06
CA ASP B 273 8.80 -17.28 -22.99
C ASP B 273 9.25 -17.73 -21.60
N GLU B 274 10.19 -16.99 -21.00
CA GLU B 274 10.66 -17.35 -19.67
C GLU B 274 9.51 -17.31 -18.67
N SER B 275 8.66 -16.28 -18.77
CA SER B 275 7.51 -16.16 -17.86
C SER B 275 6.52 -17.29 -18.14
N LEU B 276 6.37 -17.68 -19.41
CA LEU B 276 5.52 -18.84 -19.75
C LEU B 276 6.01 -20.14 -19.13
N LYS B 277 7.31 -20.41 -19.26
CA LYS B 277 7.91 -21.57 -18.60
C LYS B 277 7.52 -21.62 -17.13
N GLN B 278 7.63 -20.46 -16.47
CA GLN B 278 7.44 -20.36 -15.03
C GLN B 278 6.02 -20.65 -14.58
N ILE B 279 5.05 -20.52 -15.48
CA ILE B 279 3.68 -20.95 -15.19
C ILE B 279 3.26 -22.20 -15.99
N ASN B 280 4.24 -23.03 -16.35
CA ASN B 280 4.03 -24.28 -17.10
C ASN B 280 3.15 -24.10 -18.34
N ILE B 281 3.49 -23.13 -19.18
CA ILE B 281 2.81 -22.94 -20.46
C ILE B 281 3.85 -23.05 -21.58
N PRO B 282 3.50 -23.74 -22.68
CA PRO B 282 4.47 -23.92 -23.76
C PRO B 282 4.91 -22.59 -24.39
N VAL B 283 6.23 -22.44 -24.49
CA VAL B 283 6.90 -21.31 -25.13
C VAL B 283 6.23 -20.95 -26.47
N ILE B 284 6.33 -19.68 -26.86
CA ILE B 284 5.78 -19.19 -28.14
C ILE B 284 6.86 -18.92 -29.20
N PHE B 285 7.99 -18.32 -28.81
CA PHE B 285 8.96 -17.76 -29.76
C PHE B 285 10.24 -18.56 -29.94
N ASP B 286 10.81 -19.06 -28.84
CA ASP B 286 11.99 -19.92 -28.88
C ASP B 286 13.14 -19.19 -29.60
N VAL B 287 13.78 -18.25 -28.89
CA VAL B 287 14.50 -17.14 -29.53
C VAL B 287 15.85 -17.42 -30.23
N LYS B 288 16.73 -18.24 -29.66
CA LYS B 288 18.10 -18.31 -30.21
C LYS B 288 18.82 -19.65 -29.88
N VAL B 289 20.16 -19.77 -29.70
CA VAL B 289 21.24 -18.76 -29.40
C VAL B 289 21.87 -18.16 -30.69
N GLU B 290 22.41 -16.91 -30.73
CA GLU B 290 22.66 -15.98 -29.60
C GLU B 290 22.06 -14.55 -29.72
N ASP B 291 20.81 -14.45 -30.20
CA ASP B 291 20.06 -13.17 -30.19
C ASP B 291 19.88 -12.50 -28.79
N TYR B 292 18.97 -13.02 -27.96
CA TYR B 292 18.69 -12.42 -26.63
C TYR B 292 19.87 -12.04 -25.72
N LYS B 293 21.10 -12.43 -26.05
CA LYS B 293 22.26 -11.98 -25.25
C LYS B 293 22.75 -10.60 -25.67
N ALA B 294 22.21 -10.09 -26.78
CA ALA B 294 22.40 -8.69 -27.13
C ALA B 294 22.06 -7.80 -25.92
N LEU B 295 20.94 -8.09 -25.26
CA LEU B 295 20.48 -7.32 -24.09
C LEU B 295 20.62 -8.03 -22.74
N ALA B 296 21.53 -9.01 -22.67
CA ALA B 296 21.86 -9.68 -21.41
C ALA B 296 22.51 -8.72 -20.41
N TRP B 297 22.97 -7.58 -20.90
CA TRP B 297 23.44 -6.51 -20.04
C TRP B 297 22.33 -5.81 -19.23
N PHE B 298 21.07 -5.98 -19.64
CA PHE B 298 19.93 -5.34 -18.94
C PHE B 298 19.99 -5.49 -17.43
N GLU B 299 19.98 -6.72 -16.92
CA GLU B 299 19.92 -6.93 -15.46
C GLU B 299 21.11 -6.34 -14.71
N GLU B 300 22.30 -6.49 -15.29
CA GLU B 300 23.53 -5.92 -14.73
C GLU B 300 23.46 -4.40 -14.61
N GLU B 301 22.87 -3.77 -15.63
CA GLU B 301 22.71 -2.32 -15.63
C GLU B 301 21.66 -1.89 -14.61
N VAL B 302 20.58 -2.67 -14.53
CA VAL B 302 19.54 -2.45 -13.53
C VAL B 302 20.17 -2.51 -12.15
N PHE B 303 20.83 -3.64 -11.84
CA PHE B 303 21.52 -3.80 -10.56
C PHE B 303 22.48 -2.64 -10.29
N ALA B 304 23.18 -2.18 -11.33
CA ALA B 304 24.15 -1.09 -11.20
C ALA B 304 23.51 0.26 -10.92
N ASN B 305 22.43 0.60 -11.65
CA ASN B 305 21.75 1.90 -11.46
C ASN B 305 20.76 1.94 -10.30
N SER B 306 20.84 0.97 -9.40
CA SER B 306 20.07 1.01 -8.15
C SER B 306 20.93 1.53 -6.99
N LEU B 307 22.23 1.73 -7.25
CA LEU B 307 23.19 2.20 -6.24
C LEU B 307 23.29 1.24 -5.06
N VAL C 1 -17.17 -18.28 1.35
CA VAL C 1 -17.20 -19.01 2.66
C VAL C 1 -16.19 -18.38 3.62
N GLU C 2 -16.64 -18.04 4.83
CA GLU C 2 -15.79 -17.47 5.89
C GLU C 2 -15.40 -18.55 6.90
N TYR C 3 -14.16 -18.54 7.37
CA TYR C 3 -13.68 -19.58 8.28
C TYR C 3 -12.41 -19.18 9.03
N THR C 4 -12.10 -19.94 10.07
CA THR C 4 -10.88 -19.78 10.86
C THR C 4 -9.93 -20.95 10.63
N LYS C 5 -8.66 -20.73 10.93
CA LYS C 5 -7.66 -21.79 10.88
C LYS C 5 -6.46 -21.39 11.73
N HIS C 6 -6.52 -21.75 13.03
CA HIS C 6 -5.48 -21.43 14.02
C HIS C 6 -5.26 -19.93 14.17
MN MN D . -2.65 1.14 12.30
MN MN E . -4.54 3.94 10.75
MN MN F . 4.44 0.43 -12.08
MN MN G . 3.48 -3.11 -11.35
#